data_1A9P
#
_entry.id   1A9P
#
_cell.length_a   94.200
_cell.length_b   94.200
_cell.length_c   94.200
_cell.angle_alpha   90.00
_cell.angle_beta   90.00
_cell.angle_gamma   90.00
#
_symmetry.space_group_name_H-M   'P 21 3'
#
loop_
_entity.id
_entity.type
_entity.pdbx_description
1 polymer 'PURINE NUCLEOSIDE PHOSPHORYLASE'
2 non-polymer 'PHOSPHATE ION'
3 non-polymer 9-DEAZAINOSINE
4 water water
#
_entity_poly.entity_id   1
_entity_poly.type   'polypeptide(L)'
_entity_poly.pdbx_seq_one_letter_code
;MQNGYTYEDYQDTAKWLLSHTEQRPQVAVICGSGLGGLVNKLTQAQTFDYSEIPNFPESTVPGHAGRLVFGILNGRACVM
MQGRFHMYEGYPFWKVTFPVRVFRLLGVETLVVTNAAGGLNPNFEVGDIMLIRDHINLPGFSGENPLRGPNEERFGVRFP
AMSDAYDRDMRQKAHSTWKQMGEQRELQEGTYVMLGGPNFETVAECRLLRNLGADAVGMSTVPEVIVARHCGLRVFGFSL
ITNKVIMDTESQGKANHEEVLEAGKQAAQKLEQFVSLLMASIPVSGHTG
;
_entity_poly.pdbx_strand_id   A
#
loop_
_chem_comp.id
_chem_comp.type
_chem_comp.name
_chem_comp.formula
9DI non-polymer 9-DEAZAINOSINE 'C11 H13 N3 O5'
PO4 non-polymer 'PHOSPHATE ION' 'O4 P -3'
#
# COMPACT_ATOMS: atom_id res chain seq x y z
N MET A 1 5.95 -21.94 -11.53
CA MET A 1 7.33 -21.83 -10.99
C MET A 1 7.46 -20.49 -10.27
N GLN A 2 8.68 -20.15 -9.86
CA GLN A 2 8.95 -18.90 -9.17
C GLN A 2 8.73 -17.70 -10.11
N ASN A 3 9.28 -16.55 -9.76
CA ASN A 3 9.13 -15.33 -10.56
C ASN A 3 9.36 -15.52 -12.06
N GLY A 4 8.33 -15.24 -12.85
CA GLY A 4 8.42 -15.38 -14.29
C GLY A 4 8.86 -14.10 -14.98
N TYR A 5 9.16 -13.07 -14.19
CA TYR A 5 9.61 -11.80 -14.75
C TYR A 5 11.12 -11.69 -14.70
N THR A 6 11.72 -11.28 -15.81
CA THR A 6 13.17 -11.09 -15.87
C THR A 6 13.44 -9.60 -15.69
N TYR A 7 14.68 -9.24 -15.41
CA TYR A 7 15.04 -7.83 -15.20
C TYR A 7 14.63 -6.98 -16.41
N GLU A 8 14.79 -7.53 -17.60
CA GLU A 8 14.44 -6.81 -18.83
C GLU A 8 12.94 -6.55 -18.92
N ASP A 9 12.14 -7.40 -18.29
CA ASP A 9 10.69 -7.20 -18.31
C ASP A 9 10.31 -5.92 -17.59
N TYR A 10 10.97 -5.66 -16.46
CA TYR A 10 10.75 -4.45 -15.67
C TYR A 10 11.35 -3.29 -16.47
N GLN A 11 12.52 -3.52 -17.06
CA GLN A 11 13.21 -2.52 -17.86
C GLN A 11 12.31 -2.03 -18.98
N ASP A 12 11.76 -2.96 -19.75
CA ASP A 12 10.90 -2.65 -20.86
C ASP A 12 9.71 -1.82 -20.43
N THR A 13 9.00 -2.27 -19.40
CA THR A 13 7.85 -1.55 -18.90
C THR A 13 8.19 -0.12 -18.47
N ALA A 14 9.31 0.06 -17.76
CA ALA A 14 9.74 1.38 -17.31
C ALA A 14 10.02 2.28 -18.50
N LYS A 15 10.65 1.71 -19.52
CA LYS A 15 10.97 2.44 -20.75
C LYS A 15 9.70 2.88 -21.46
N TRP A 16 8.70 2.00 -21.50
CA TRP A 16 7.43 2.31 -22.15
C TRP A 16 6.79 3.53 -21.51
N LEU A 17 6.71 3.53 -20.18
CA LEU A 17 6.11 4.65 -19.44
C LEU A 17 6.88 5.95 -19.63
N LEU A 18 8.21 5.87 -19.58
CA LEU A 18 9.06 7.05 -19.74
C LEU A 18 8.93 7.67 -21.14
N SER A 19 8.69 6.84 -22.15
CA SER A 19 8.56 7.35 -23.51
C SER A 19 7.12 7.75 -23.83
N HIS A 20 6.27 7.78 -22.80
CA HIS A 20 4.87 8.16 -23.01
C HIS A 20 4.40 9.29 -22.09
N THR A 21 5.26 9.73 -21.19
CA THR A 21 4.92 10.82 -20.28
C THR A 21 6.16 11.67 -20.01
N GLU A 22 5.95 12.94 -19.72
CA GLU A 22 7.06 13.84 -19.43
C GLU A 22 7.30 13.92 -17.91
N GLN A 23 6.38 13.35 -17.16
CA GLN A 23 6.45 13.36 -15.71
C GLN A 23 7.48 12.36 -15.19
N ARG A 24 8.30 12.81 -14.24
CA ARG A 24 9.31 11.97 -13.62
C ARG A 24 9.05 12.00 -12.11
N PRO A 25 8.16 11.14 -11.62
CA PRO A 25 7.79 11.06 -10.20
C PRO A 25 8.88 10.53 -9.27
N GLN A 26 8.89 11.03 -8.03
CA GLN A 26 9.85 10.59 -7.03
C GLN A 26 9.08 9.79 -5.99
N VAL A 27 7.79 10.09 -5.87
CA VAL A 27 6.92 9.43 -4.92
C VAL A 27 5.93 8.56 -5.67
N ALA A 28 5.70 7.35 -5.16
CA ALA A 28 4.76 6.41 -5.75
C ALA A 28 3.73 6.12 -4.66
N VAL A 29 2.45 6.18 -4.98
CA VAL A 29 1.40 5.92 -4.01
C VAL A 29 0.48 4.81 -4.51
N ILE A 30 0.20 3.84 -3.64
CA ILE A 30 -0.69 2.73 -3.97
C ILE A 30 -1.99 2.88 -3.21
N CYS A 31 -3.11 2.90 -3.92
CA CYS A 31 -4.42 3.05 -3.30
C CYS A 31 -5.17 1.73 -3.11
N GLY A 32 -5.57 1.47 -1.86
CA GLY A 32 -6.28 0.26 -1.53
C GLY A 32 -7.78 0.41 -1.73
N SER A 33 -8.54 -0.55 -1.23
CA SER A 33 -10.00 -0.53 -1.38
C SER A 33 -10.62 0.78 -0.91
N GLY A 34 -11.45 1.36 -1.78
CA GLY A 34 -12.15 2.60 -1.47
C GLY A 34 -11.32 3.84 -1.24
N LEU A 35 -10.04 3.79 -1.57
CA LEU A 35 -9.15 4.95 -1.39
C LEU A 35 -8.78 5.53 -2.75
N GLY A 36 -9.47 5.06 -3.79
CA GLY A 36 -9.22 5.52 -5.15
C GLY A 36 -9.40 7.00 -5.40
N GLY A 37 -10.01 7.71 -4.46
CA GLY A 37 -10.23 9.14 -4.61
C GLY A 37 -9.02 10.02 -4.40
N LEU A 38 -7.93 9.44 -3.90
CA LEU A 38 -6.68 10.18 -3.66
C LEU A 38 -6.16 10.79 -4.97
N VAL A 39 -6.55 10.16 -6.07
CA VAL A 39 -6.16 10.57 -7.42
C VAL A 39 -6.67 11.96 -7.81
N ASN A 40 -7.91 12.29 -7.46
CA ASN A 40 -8.47 13.58 -7.84
C ASN A 40 -7.99 14.81 -7.09
N LYS A 41 -6.71 14.83 -6.73
CA LYS A 41 -6.09 15.97 -6.07
C LYS A 41 -4.90 16.37 -6.97
N LEU A 42 -4.52 15.45 -7.84
CA LEU A 42 -3.41 15.62 -8.78
C LEU A 42 -3.66 16.65 -9.86
N THR A 43 -2.61 17.38 -10.21
CA THR A 43 -2.71 18.37 -11.27
C THR A 43 -1.86 17.84 -12.42
N GLN A 44 -2.17 18.26 -13.64
CA GLN A 44 -1.43 17.82 -14.83
C GLN A 44 -1.41 16.29 -14.93
N ALA A 45 -2.49 15.67 -14.48
CA ALA A 45 -2.62 14.22 -14.48
C ALA A 45 -2.69 13.53 -15.84
N GLN A 46 -2.05 12.37 -15.94
CA GLN A 46 -2.08 11.56 -17.14
C GLN A 46 -2.38 10.15 -16.63
N THR A 47 -3.46 9.58 -17.15
CA THR A 47 -3.89 8.27 -16.72
C THR A 47 -3.60 7.20 -17.75
N PHE A 48 -3.19 6.03 -17.28
CA PHE A 48 -2.89 4.89 -18.13
C PHE A 48 -3.64 3.71 -17.56
N ASP A 49 -4.44 3.03 -18.38
CA ASP A 49 -5.13 1.86 -17.89
C ASP A 49 -4.10 0.76 -17.85
N TYR A 50 -4.11 -0.05 -16.78
CA TYR A 50 -3.15 -1.15 -16.66
C TYR A 50 -3.11 -2.03 -17.91
N SER A 51 -4.28 -2.23 -18.54
CA SER A 51 -4.37 -3.07 -19.73
C SER A 51 -3.59 -2.58 -20.95
N GLU A 52 -3.16 -1.32 -20.95
CA GLU A 52 -2.40 -0.78 -22.09
C GLU A 52 -0.90 -0.75 -21.83
N ILE A 53 -0.50 -0.94 -20.58
CA ILE A 53 0.91 -0.92 -20.21
C ILE A 53 1.42 -2.34 -20.26
N PRO A 54 2.37 -2.62 -21.18
CA PRO A 54 2.99 -3.92 -21.40
C PRO A 54 2.81 -5.06 -20.40
N ASN A 55 3.74 -5.24 -19.46
CA ASN A 55 3.63 -6.38 -18.54
C ASN A 55 2.77 -6.19 -17.28
N PHE A 56 1.83 -5.26 -17.33
CA PHE A 56 0.96 -4.96 -16.19
C PHE A 56 -0.22 -5.89 -15.95
N PRO A 57 -0.44 -6.31 -14.69
CA PRO A 57 -1.56 -7.20 -14.34
C PRO A 57 -2.83 -6.33 -14.29
N GLU A 58 -3.97 -6.89 -13.92
CA GLU A 58 -5.19 -6.09 -13.86
C GLU A 58 -6.05 -6.24 -12.62
N SER A 59 -6.51 -5.12 -12.09
CA SER A 59 -7.37 -5.09 -10.91
C SER A 59 -8.75 -5.65 -11.26
N THR A 60 -9.19 -6.65 -10.49
CA THR A 60 -10.50 -7.27 -10.73
C THR A 60 -11.46 -7.02 -9.57
N VAL A 61 -11.00 -6.28 -8.57
CA VAL A 61 -11.77 -5.99 -7.37
C VAL A 61 -12.47 -4.63 -7.41
N PRO A 62 -13.76 -4.58 -7.04
CA PRO A 62 -14.50 -3.32 -7.05
C PRO A 62 -13.84 -2.42 -6.00
N GLY A 63 -13.61 -1.16 -6.38
CA GLY A 63 -12.94 -0.23 -5.48
C GLY A 63 -11.54 -0.01 -5.99
N HIS A 64 -11.13 -0.86 -6.94
CA HIS A 64 -9.82 -0.78 -7.55
C HIS A 64 -10.05 -0.51 -9.04
N ALA A 65 -9.89 0.76 -9.43
CA ALA A 65 -10.11 1.20 -10.81
C ALA A 65 -9.20 0.53 -11.85
N GLY A 66 -7.94 0.32 -11.50
CA GLY A 66 -7.01 -0.31 -12.43
C GLY A 66 -6.38 0.70 -13.38
N ARG A 67 -5.92 1.82 -12.83
CA ARG A 67 -5.29 2.87 -13.61
C ARG A 67 -4.05 3.42 -12.90
N LEU A 68 -3.03 3.73 -13.70
CA LEU A 68 -1.77 4.32 -13.22
C LEU A 68 -1.95 5.80 -13.55
N VAL A 69 -1.86 6.64 -12.54
CA VAL A 69 -2.04 8.06 -12.76
C VAL A 69 -0.83 8.87 -12.33
N PHE A 70 -0.26 9.62 -13.27
CA PHE A 70 0.88 10.46 -12.97
C PHE A 70 0.29 11.84 -12.72
N GLY A 71 0.86 12.58 -11.79
CA GLY A 71 0.35 13.89 -11.52
C GLY A 71 1.22 14.61 -10.53
N ILE A 72 0.83 15.85 -10.24
CA ILE A 72 1.53 16.70 -9.30
C ILE A 72 0.62 16.83 -8.09
N LEU A 73 1.07 16.33 -6.95
CA LEU A 73 0.30 16.40 -5.71
C LEU A 73 0.98 17.37 -4.76
N ASN A 74 0.32 18.49 -4.49
CA ASN A 74 0.85 19.50 -3.59
C ASN A 74 2.31 19.86 -3.88
N GLY A 75 2.61 20.09 -5.15
CA GLY A 75 3.97 20.45 -5.53
C GLY A 75 4.91 19.31 -5.90
N ARG A 76 4.65 18.11 -5.38
CA ARG A 76 5.51 16.96 -5.67
C ARG A 76 4.95 16.08 -6.79
N ALA A 77 5.83 15.70 -7.71
CA ALA A 77 5.46 14.84 -8.83
C ALA A 77 5.41 13.39 -8.36
N CYS A 78 4.26 12.75 -8.56
CA CYS A 78 4.12 11.37 -8.15
C CYS A 78 3.30 10.53 -9.13
N VAL A 79 3.33 9.22 -8.92
CA VAL A 79 2.57 8.28 -9.73
C VAL A 79 1.73 7.46 -8.77
N MET A 80 0.49 7.20 -9.13
CA MET A 80 -0.42 6.45 -8.30
C MET A 80 -1.06 5.24 -8.94
N MET A 81 -1.17 4.18 -8.16
CA MET A 81 -1.82 2.98 -8.60
C MET A 81 -3.24 3.10 -8.06
N GLN A 82 -4.18 3.46 -8.92
CA GLN A 82 -5.57 3.59 -8.50
C GLN A 82 -6.11 2.16 -8.56
N GLY A 83 -5.82 1.41 -7.50
CA GLY A 83 -6.24 0.03 -7.43
C GLY A 83 -5.02 -0.86 -7.50
N ARG A 84 -4.96 -1.86 -6.61
CA ARG A 84 -3.84 -2.78 -6.55
C ARG A 84 -4.28 -4.19 -6.89
N PHE A 85 -3.36 -5.13 -6.75
CA PHE A 85 -3.62 -6.54 -7.02
C PHE A 85 -3.52 -7.32 -5.72
N HIS A 86 -4.24 -8.42 -5.63
CA HIS A 86 -4.22 -9.25 -4.45
C HIS A 86 -4.01 -10.71 -4.85
N MET A 87 -3.48 -11.49 -3.91
CA MET A 87 -3.26 -12.90 -4.12
C MET A 87 -4.59 -13.66 -4.26
N TYR A 88 -5.64 -13.20 -3.57
CA TYR A 88 -6.95 -13.86 -3.67
C TYR A 88 -7.60 -13.74 -5.04
N GLU A 89 -6.99 -12.98 -5.94
CA GLU A 89 -7.53 -12.83 -7.29
C GLU A 89 -6.97 -13.95 -8.16
N GLY A 90 -5.96 -14.64 -7.64
CA GLY A 90 -5.30 -15.72 -8.35
C GLY A 90 -3.90 -15.29 -8.73
N TYR A 91 -3.49 -14.10 -8.32
CA TYR A 91 -2.17 -13.59 -8.64
C TYR A 91 -1.07 -14.04 -7.70
N PRO A 92 0.05 -14.50 -8.27
CA PRO A 92 1.20 -14.95 -7.46
C PRO A 92 1.85 -13.64 -6.96
N PHE A 93 2.54 -13.71 -5.84
CA PHE A 93 3.16 -12.50 -5.29
C PHE A 93 4.11 -11.80 -6.26
N TRP A 94 4.79 -12.56 -7.13
CA TRP A 94 5.70 -11.94 -8.09
C TRP A 94 4.98 -11.14 -9.17
N LYS A 95 3.69 -11.37 -9.30
CA LYS A 95 2.84 -10.64 -10.24
C LYS A 95 2.26 -9.44 -9.47
N VAL A 96 1.83 -9.69 -8.24
CA VAL A 96 1.26 -8.67 -7.36
C VAL A 96 2.19 -7.48 -7.14
N THR A 97 3.48 -7.75 -7.00
CA THR A 97 4.48 -6.73 -6.75
C THR A 97 5.24 -6.17 -7.96
N PHE A 98 4.86 -6.60 -9.16
CA PHE A 98 5.52 -6.15 -10.39
C PHE A 98 5.72 -4.62 -10.45
N PRO A 99 4.66 -3.84 -10.19
CA PRO A 99 4.80 -2.39 -10.24
C PRO A 99 5.79 -1.75 -9.28
N VAL A 100 6.11 -2.41 -8.17
CA VAL A 100 7.06 -1.85 -7.21
C VAL A 100 8.46 -1.77 -7.82
N ARG A 101 8.81 -2.79 -8.58
CA ARG A 101 10.13 -2.81 -9.21
C ARG A 101 10.21 -1.87 -10.40
N VAL A 102 9.06 -1.63 -11.05
CA VAL A 102 9.01 -0.70 -12.18
C VAL A 102 9.25 0.71 -11.64
N PHE A 103 8.61 1.02 -10.50
CA PHE A 103 8.75 2.33 -9.87
C PHE A 103 10.22 2.61 -9.59
N ARG A 104 10.89 1.61 -9.01
CA ARG A 104 12.30 1.72 -8.70
C ARG A 104 13.08 2.10 -9.96
N LEU A 105 12.80 1.41 -11.06
CA LEU A 105 13.49 1.69 -12.31
C LEU A 105 13.13 3.02 -12.96
N LEU A 106 12.02 3.63 -12.51
CA LEU A 106 11.61 4.94 -13.03
C LEU A 106 12.35 6.03 -12.29
N GLY A 107 12.95 5.68 -11.15
CA GLY A 107 13.68 6.65 -10.36
C GLY A 107 12.99 7.01 -9.05
N VAL A 108 11.86 6.36 -8.77
CA VAL A 108 11.09 6.61 -7.55
C VAL A 108 11.94 6.29 -6.32
N GLU A 109 11.84 7.12 -5.29
CA GLU A 109 12.60 6.93 -4.05
C GLU A 109 11.71 6.56 -2.88
N THR A 110 10.46 7.03 -2.89
CA THR A 110 9.57 6.74 -1.80
C THR A 110 8.29 6.10 -2.29
N LEU A 111 7.78 5.18 -1.48
CA LEU A 111 6.55 4.47 -1.76
C LEU A 111 5.65 4.59 -0.54
N VAL A 112 4.42 5.03 -0.73
CA VAL A 112 3.52 5.11 0.41
C VAL A 112 2.40 4.15 0.06
N VAL A 113 2.18 3.19 0.96
CA VAL A 113 1.16 2.18 0.76
C VAL A 113 -0.04 2.45 1.66
N THR A 114 -1.23 2.20 1.12
CA THR A 114 -2.46 2.40 1.88
C THR A 114 -3.29 1.15 1.66
N ASN A 115 -4.34 1.00 2.47
CA ASN A 115 -5.22 -0.14 2.37
C ASN A 115 -6.35 0.04 3.34
N ALA A 116 -7.36 -0.80 3.21
CA ALA A 116 -8.49 -0.78 4.11
C ALA A 116 -8.26 -2.01 4.98
N ALA A 117 -8.44 -1.88 6.28
CA ALA A 117 -8.23 -3.01 7.17
C ALA A 117 -9.26 -3.13 8.29
N GLY A 118 -9.43 -4.35 8.79
CA GLY A 118 -10.35 -4.59 9.88
C GLY A 118 -9.62 -4.30 11.17
N GLY A 119 -10.30 -3.64 12.10
CA GLY A 119 -9.67 -3.30 13.37
C GLY A 119 -9.68 -4.45 14.36
N LEU A 120 -8.51 -4.76 14.91
CA LEU A 120 -8.37 -5.81 15.91
C LEU A 120 -8.21 -5.13 17.25
N ASN A 121 -7.47 -4.02 17.25
CA ASN A 121 -7.24 -3.26 18.47
C ASN A 121 -8.57 -2.68 18.88
N PRO A 122 -9.03 -3.01 20.10
CA PRO A 122 -10.32 -2.54 20.65
C PRO A 122 -10.50 -1.04 20.75
N ASN A 123 -9.40 -0.29 20.82
CA ASN A 123 -9.45 1.17 20.93
C ASN A 123 -9.65 1.84 19.57
N PHE A 124 -9.56 1.06 18.50
CA PHE A 124 -9.72 1.61 17.17
C PHE A 124 -11.21 1.77 16.89
N GLU A 125 -11.54 2.75 16.07
CA GLU A 125 -12.93 3.01 15.69
C GLU A 125 -12.99 3.03 14.18
N VAL A 126 -14.18 2.77 13.65
CA VAL A 126 -14.35 2.80 12.21
C VAL A 126 -14.08 4.25 11.79
N GLY A 127 -13.21 4.41 10.80
CA GLY A 127 -12.86 5.75 10.33
C GLY A 127 -11.48 6.15 10.76
N ASP A 128 -10.89 5.41 11.70
CA ASP A 128 -9.54 5.71 12.20
C ASP A 128 -8.46 5.48 11.17
N ILE A 129 -7.39 6.26 11.28
CA ILE A 129 -6.24 6.13 10.40
C ILE A 129 -5.11 5.57 11.25
N MET A 130 -4.57 4.42 10.85
CA MET A 130 -3.51 3.79 11.60
C MET A 130 -2.20 3.77 10.84
N LEU A 131 -1.16 4.37 11.41
CA LEU A 131 0.15 4.36 10.79
C LEU A 131 0.65 2.94 10.98
N ILE A 132 1.20 2.37 9.92
CA ILE A 132 1.72 1.01 9.99
C ILE A 132 3.15 1.08 10.52
N ARG A 133 3.35 0.73 11.79
CA ARG A 133 4.70 0.75 12.33
C ARG A 133 5.40 -0.57 12.07
N ASP A 134 4.62 -1.63 11.88
CA ASP A 134 5.18 -2.96 11.65
C ASP A 134 4.12 -3.88 11.05
N HIS A 135 4.54 -5.09 10.66
CA HIS A 135 3.63 -6.08 10.09
C HIS A 135 4.02 -7.51 10.45
N ILE A 136 3.08 -8.42 10.26
CA ILE A 136 3.28 -9.85 10.49
C ILE A 136 2.86 -10.45 9.16
N ASN A 137 3.74 -11.20 8.52
CA ASN A 137 3.44 -11.78 7.22
C ASN A 137 3.11 -13.27 7.31
N LEU A 138 1.85 -13.60 7.49
CA LEU A 138 1.44 -15.00 7.61
C LEU A 138 1.79 -15.83 6.35
N PRO A 139 1.41 -15.35 5.13
CA PRO A 139 1.76 -16.17 3.96
C PRO A 139 3.28 -16.37 3.87
N GLY A 140 4.05 -15.40 4.38
CA GLY A 140 5.51 -15.50 4.36
C GLY A 140 6.03 -16.66 5.21
N PHE A 141 5.36 -16.92 6.32
CA PHE A 141 5.72 -18.00 7.21
C PHE A 141 5.79 -19.35 6.50
N SER A 142 5.01 -19.51 5.44
CA SER A 142 4.96 -20.78 4.70
C SER A 142 5.71 -20.78 3.37
N GLY A 143 6.57 -19.79 3.13
CA GLY A 143 7.32 -19.75 1.90
C GLY A 143 6.66 -18.96 0.79
N GLU A 144 5.43 -18.50 1.02
CA GLU A 144 4.71 -17.70 0.04
C GLU A 144 5.31 -16.30 0.15
N ASN A 145 6.28 -16.03 -0.72
CA ASN A 145 7.01 -14.79 -0.66
C ASN A 145 7.37 -14.29 -2.05
N PRO A 146 7.24 -12.97 -2.30
CA PRO A 146 7.56 -12.40 -3.61
C PRO A 146 9.03 -12.55 -4.03
N LEU A 147 9.91 -12.80 -3.06
CA LEU A 147 11.34 -12.95 -3.34
C LEU A 147 11.82 -14.41 -3.45
N ARG A 148 10.88 -15.35 -3.50
CA ARG A 148 11.24 -16.75 -3.60
C ARG A 148 11.78 -17.06 -5.00
N GLY A 149 12.82 -17.90 -5.05
CA GLY A 149 13.44 -18.26 -6.31
C GLY A 149 14.81 -17.61 -6.42
N PRO A 150 15.48 -17.67 -7.58
CA PRO A 150 16.79 -17.03 -7.64
C PRO A 150 16.69 -15.52 -7.43
N ASN A 151 17.68 -14.96 -6.73
CA ASN A 151 17.71 -13.54 -6.45
C ASN A 151 18.32 -12.71 -7.57
N GLU A 152 17.67 -11.60 -7.88
CA GLU A 152 18.15 -10.69 -8.90
C GLU A 152 19.01 -9.65 -8.19
N GLU A 153 20.32 -9.85 -8.22
CA GLU A 153 21.29 -8.96 -7.57
C GLU A 153 21.16 -7.50 -7.98
N ARG A 154 20.61 -7.27 -9.16
CA ARG A 154 20.42 -5.92 -9.67
C ARG A 154 19.38 -5.12 -8.89
N PHE A 155 18.54 -5.82 -8.13
CA PHE A 155 17.54 -5.14 -7.32
C PHE A 155 17.96 -5.09 -5.85
N GLY A 156 18.46 -6.21 -5.35
CA GLY A 156 18.87 -6.24 -3.96
C GLY A 156 19.58 -7.51 -3.59
N VAL A 157 19.82 -7.69 -2.29
CA VAL A 157 20.52 -8.85 -1.79
C VAL A 157 19.59 -10.02 -1.48
N ARG A 158 20.17 -11.22 -1.39
CA ARG A 158 19.45 -12.45 -1.10
C ARG A 158 18.61 -12.44 0.19
N PHE A 159 19.22 -12.02 1.30
CA PHE A 159 18.57 -11.97 2.61
C PHE A 159 18.36 -10.56 3.14
N PRO A 160 17.36 -9.83 2.62
CA PRO A 160 17.13 -8.46 3.11
C PRO A 160 16.42 -8.41 4.46
N ALA A 161 16.86 -7.50 5.32
CA ALA A 161 16.27 -7.32 6.65
C ALA A 161 14.97 -6.55 6.53
N MET A 162 14.00 -6.90 7.39
CA MET A 162 12.69 -6.25 7.39
C MET A 162 12.35 -5.53 8.69
N SER A 163 13.19 -5.67 9.72
CA SER A 163 12.93 -5.02 11.00
C SER A 163 12.76 -3.49 10.91
N ASP A 164 13.36 -2.88 9.89
CA ASP A 164 13.30 -1.44 9.69
C ASP A 164 12.52 -1.08 8.41
N ALA A 165 11.43 -1.79 8.18
CA ALA A 165 10.63 -1.57 6.99
C ALA A 165 9.94 -0.23 6.92
N TYR A 166 9.27 0.16 7.99
CA TYR A 166 8.54 1.42 7.99
C TYR A 166 9.38 2.59 8.51
N ASP A 167 9.72 3.49 7.59
CA ASP A 167 10.52 4.66 7.90
C ASP A 167 10.09 5.41 9.17
N ARG A 168 11.05 5.53 10.09
CA ARG A 168 10.87 6.21 11.37
C ARG A 168 10.64 7.71 11.22
N ASP A 169 11.48 8.35 10.44
CA ASP A 169 11.36 9.79 10.25
C ASP A 169 10.06 10.20 9.55
N MET A 170 9.55 9.33 8.67
CA MET A 170 8.31 9.65 8.00
C MET A 170 7.11 9.48 8.94
N ARG A 171 7.24 8.58 9.90
CA ARG A 171 6.18 8.37 10.86
C ARG A 171 6.14 9.49 11.91
N GLN A 172 7.28 10.16 12.09
CA GLN A 172 7.37 11.30 13.01
C GLN A 172 6.61 12.43 12.32
N LYS A 173 6.89 12.62 11.03
CA LYS A 173 6.26 13.66 10.21
C LYS A 173 4.75 13.48 10.10
N ALA A 174 4.30 12.24 9.96
CA ALA A 174 2.87 11.96 9.86
C ALA A 174 2.18 12.45 11.12
N HIS A 175 2.78 12.17 12.27
CA HIS A 175 2.22 12.62 13.54
C HIS A 175 2.20 14.14 13.64
N SER A 176 3.29 14.80 13.26
CA SER A 176 3.37 16.26 13.28
C SER A 176 2.31 16.90 12.37
N THR A 177 2.18 16.36 11.16
CA THR A 177 1.20 16.85 10.19
C THR A 177 -0.23 16.69 10.72
N TRP A 178 -0.52 15.57 11.35
CA TRP A 178 -1.84 15.32 11.91
C TRP A 178 -2.21 16.43 12.92
N LYS A 179 -1.23 16.84 13.73
CA LYS A 179 -1.45 17.88 14.74
C LYS A 179 -1.87 19.17 14.03
N GLN A 180 -1.20 19.46 12.93
CA GLN A 180 -1.49 20.67 12.19
C GLN A 180 -2.87 20.66 11.55
N MET A 181 -3.45 19.49 11.38
CA MET A 181 -4.76 19.40 10.79
C MET A 181 -5.85 19.74 11.79
N GLY A 182 -5.55 19.58 13.08
CA GLY A 182 -6.52 19.89 14.12
C GLY A 182 -7.55 18.79 14.28
N GLU A 183 -7.17 17.57 13.96
CA GLU A 183 -8.08 16.44 14.09
C GLU A 183 -8.37 16.14 15.54
N GLN A 184 -9.65 15.99 15.85
CA GLN A 184 -10.09 15.68 17.20
C GLN A 184 -9.69 14.25 17.60
N ARG A 185 -9.77 13.33 16.65
CA ARG A 185 -9.41 11.94 16.89
C ARG A 185 -7.90 11.82 16.70
N GLU A 186 -7.24 11.15 17.64
CA GLU A 186 -5.78 10.97 17.58
C GLU A 186 -5.37 10.05 16.42
N LEU A 187 -4.10 10.15 16.02
CA LEU A 187 -3.56 9.33 14.94
C LEU A 187 -3.08 8.00 15.53
N GLN A 188 -3.67 6.91 15.03
CA GLN A 188 -3.35 5.56 15.48
C GLN A 188 -2.08 5.04 14.83
N GLU A 189 -1.46 4.04 15.45
CA GLU A 189 -0.24 3.42 14.95
C GLU A 189 -0.18 2.00 15.47
N GLY A 190 0.10 1.05 14.59
CA GLY A 190 0.17 -0.34 15.01
C GLY A 190 0.74 -1.31 14.00
N THR A 191 0.50 -2.59 14.29
CA THR A 191 0.97 -3.68 13.49
C THR A 191 -0.13 -4.17 12.55
N TYR A 192 0.24 -4.36 11.30
CA TYR A 192 -0.68 -4.84 10.28
C TYR A 192 -0.37 -6.31 10.02
N VAL A 193 -1.39 -7.16 10.02
CA VAL A 193 -1.20 -8.58 9.75
C VAL A 193 -1.89 -8.95 8.45
N MET A 194 -1.19 -9.68 7.59
CA MET A 194 -1.76 -10.09 6.32
C MET A 194 -2.08 -11.58 6.27
N LEU A 195 -3.25 -11.88 5.74
CA LEU A 195 -3.68 -13.25 5.51
C LEU A 195 -4.17 -13.29 4.07
N GLY A 196 -4.39 -14.49 3.54
CA GLY A 196 -4.80 -14.63 2.15
C GLY A 196 -6.17 -14.18 1.64
N GLY A 197 -7.23 -14.49 2.38
CA GLY A 197 -8.58 -14.14 1.93
C GLY A 197 -9.08 -15.13 0.90
N PRO A 198 -10.14 -14.82 0.14
CA PRO A 198 -10.91 -13.57 0.20
C PRO A 198 -12.04 -13.54 1.23
N ASN A 199 -12.28 -14.64 1.94
CA ASN A 199 -13.34 -14.64 2.94
C ASN A 199 -12.93 -13.82 4.15
N PHE A 200 -13.91 -13.39 4.93
CA PHE A 200 -13.60 -12.64 6.13
C PHE A 200 -13.35 -13.63 7.26
N GLU A 201 -12.65 -13.17 8.28
CA GLU A 201 -12.25 -14.00 9.42
C GLU A 201 -13.36 -14.45 10.37
N THR A 202 -13.12 -15.58 11.01
CA THR A 202 -14.05 -16.13 11.98
C THR A 202 -13.67 -15.45 13.30
N VAL A 203 -14.55 -15.54 14.29
CA VAL A 203 -14.27 -14.93 15.59
C VAL A 203 -12.96 -15.49 16.16
N ALA A 204 -12.80 -16.81 16.10
CA ALA A 204 -11.61 -17.48 16.63
C ALA A 204 -10.32 -17.00 15.97
N GLU A 205 -10.40 -16.71 14.68
CA GLU A 205 -9.23 -16.23 13.94
C GLU A 205 -8.91 -14.80 14.36
N CYS A 206 -9.94 -14.00 14.62
CA CYS A 206 -9.76 -12.62 15.04
C CYS A 206 -9.13 -12.57 16.44
N ARG A 207 -9.58 -13.45 17.32
CA ARG A 207 -9.02 -13.49 18.67
C ARG A 207 -7.59 -13.98 18.61
N LEU A 208 -7.33 -14.94 17.72
CA LEU A 208 -6.00 -15.51 17.56
C LEU A 208 -5.03 -14.43 17.09
N LEU A 209 -5.40 -13.71 16.05
CA LEU A 209 -4.58 -12.65 15.46
C LEU A 209 -4.31 -11.55 16.46
N ARG A 210 -5.32 -11.19 17.24
CA ARG A 210 -5.19 -10.15 18.25
C ARG A 210 -4.18 -10.59 19.30
N ASN A 211 -4.30 -11.83 19.75
CA ASN A 211 -3.39 -12.38 20.75
C ASN A 211 -1.96 -12.44 20.23
N LEU A 212 -1.79 -12.47 18.90
CA LEU A 212 -0.47 -12.49 18.27
C LEU A 212 0.11 -11.08 18.23
N GLY A 213 -0.68 -10.10 18.67
CA GLY A 213 -0.23 -8.72 18.70
C GLY A 213 -0.56 -7.84 17.51
N ALA A 214 -1.45 -8.27 16.64
CA ALA A 214 -1.81 -7.46 15.47
C ALA A 214 -2.87 -6.42 15.81
N ASP A 215 -2.79 -5.26 15.18
CA ASP A 215 -3.77 -4.21 15.44
C ASP A 215 -4.82 -4.12 14.36
N ALA A 216 -4.46 -4.52 13.15
CA ALA A 216 -5.37 -4.52 12.01
C ALA A 216 -5.02 -5.70 11.10
N VAL A 217 -6.03 -6.23 10.44
CA VAL A 217 -5.90 -7.36 9.54
C VAL A 217 -6.33 -7.00 8.10
N GLY A 218 -5.56 -7.44 7.12
CA GLY A 218 -5.90 -7.15 5.75
C GLY A 218 -5.44 -8.26 4.85
N MET A 219 -5.60 -8.08 3.55
CA MET A 219 -5.22 -9.10 2.57
C MET A 219 -4.28 -8.55 1.51
N SER A 220 -3.42 -7.60 1.88
CA SER A 220 -2.51 -7.01 0.89
C SER A 220 -1.35 -6.26 1.53
N THR A 221 -0.75 -5.36 0.76
CA THR A 221 0.33 -4.48 1.22
C THR A 221 1.70 -5.10 1.53
N VAL A 222 1.74 -6.07 2.44
CA VAL A 222 2.98 -6.72 2.86
C VAL A 222 3.93 -7.19 1.75
N PRO A 223 3.42 -7.88 0.70
CA PRO A 223 4.31 -8.35 -0.37
C PRO A 223 5.02 -7.16 -1.01
N GLU A 224 4.24 -6.09 -1.17
CA GLU A 224 4.73 -4.86 -1.77
C GLU A 224 5.79 -4.20 -0.93
N VAL A 225 5.58 -4.19 0.39
CA VAL A 225 6.53 -3.60 1.31
C VAL A 225 7.87 -4.36 1.27
N ILE A 226 7.77 -5.67 1.14
CA ILE A 226 8.96 -6.51 1.08
C ILE A 226 9.78 -6.25 -0.19
N VAL A 227 9.12 -6.23 -1.34
CA VAL A 227 9.81 -5.99 -2.60
C VAL A 227 10.39 -4.56 -2.62
N ALA A 228 9.62 -3.61 -2.12
CA ALA A 228 10.07 -2.22 -2.07
C ALA A 228 11.35 -2.09 -1.26
N ARG A 229 11.32 -2.60 -0.04
CA ARG A 229 12.47 -2.56 0.85
C ARG A 229 13.68 -3.25 0.24
N HIS A 230 13.44 -4.40 -0.38
CA HIS A 230 14.48 -5.19 -1.02
C HIS A 230 15.28 -4.35 -2.04
N CYS A 231 14.58 -3.49 -2.77
CA CYS A 231 15.25 -2.65 -3.77
C CYS A 231 15.60 -1.24 -3.26
N GLY A 232 15.55 -1.04 -1.95
CA GLY A 232 15.93 0.24 -1.38
C GLY A 232 14.97 1.42 -1.40
N LEU A 233 13.69 1.14 -1.55
CA LEU A 233 12.67 2.17 -1.54
C LEU A 233 12.32 2.51 -0.10
N ARG A 234 12.23 3.80 0.21
CA ARG A 234 11.84 4.25 1.54
C ARG A 234 10.34 3.94 1.59
N VAL A 235 9.85 3.38 2.68
CA VAL A 235 8.44 3.04 2.76
C VAL A 235 7.72 3.62 3.97
N PHE A 236 6.45 3.96 3.73
CA PHE A 236 5.56 4.50 4.73
C PHE A 236 4.19 3.96 4.33
N GLY A 237 3.34 3.71 5.30
CA GLY A 237 2.02 3.19 4.99
C GLY A 237 1.02 3.35 6.12
N PHE A 238 -0.27 3.35 5.78
CA PHE A 238 -1.32 3.47 6.78
C PHE A 238 -2.58 2.73 6.35
N SER A 239 -3.36 2.31 7.34
CA SER A 239 -4.60 1.59 7.11
C SER A 239 -5.79 2.44 7.52
N LEU A 240 -6.84 2.39 6.71
CA LEU A 240 -8.05 3.10 7.05
C LEU A 240 -8.86 1.99 7.71
N ILE A 241 -9.17 2.16 8.99
CA ILE A 241 -9.95 1.16 9.71
C ILE A 241 -11.39 1.29 9.22
N THR A 242 -11.75 0.43 8.26
CA THR A 242 -13.07 0.45 7.67
C THR A 242 -14.14 -0.30 8.46
N ASN A 243 -13.71 -1.14 9.40
CA ASN A 243 -14.67 -1.91 10.17
C ASN A 243 -14.06 -2.47 11.45
N LYS A 244 -14.93 -2.88 12.36
CA LYS A 244 -14.51 -3.49 13.60
C LYS A 244 -14.72 -4.98 13.37
N VAL A 245 -13.70 -5.80 13.60
CA VAL A 245 -13.88 -7.23 13.39
C VAL A 245 -14.71 -7.86 14.49
N ILE A 246 -15.40 -8.93 14.13
CA ILE A 246 -16.26 -9.66 15.04
C ILE A 246 -15.42 -10.47 16.04
N MET A 247 -15.54 -10.14 17.32
CA MET A 247 -14.77 -10.82 18.36
C MET A 247 -15.62 -11.68 19.29
N ASP A 248 -16.92 -11.76 19.01
CA ASP A 248 -17.82 -12.53 19.85
C ASP A 248 -18.80 -13.35 19.04
N THR A 249 -19.10 -14.52 19.56
CA THR A 249 -20.02 -15.46 18.94
C THR A 249 -21.47 -14.96 18.98
N GLU A 250 -21.73 -13.97 19.83
CA GLU A 250 -23.06 -13.37 19.87
C GLU A 250 -22.96 -12.31 18.76
N SER A 251 -22.82 -12.79 17.53
CA SER A 251 -22.66 -11.96 16.35
C SER A 251 -23.85 -11.07 16.02
N GLN A 252 -23.67 -9.78 16.20
CA GLN A 252 -24.72 -8.82 15.89
C GLN A 252 -24.89 -8.85 14.37
N GLY A 253 -23.76 -8.83 13.67
CA GLY A 253 -23.78 -8.85 12.22
C GLY A 253 -22.54 -9.55 11.67
N LYS A 254 -22.24 -9.29 10.41
CA LYS A 254 -21.08 -9.89 9.74
C LYS A 254 -20.45 -8.87 8.80
N ALA A 255 -19.15 -9.00 8.57
CA ALA A 255 -18.43 -8.09 7.68
C ALA A 255 -18.87 -8.28 6.23
N ASN A 256 -18.73 -7.22 5.45
CA ASN A 256 -19.09 -7.24 4.04
C ASN A 256 -18.30 -6.17 3.30
N HIS A 257 -18.19 -6.31 1.99
CA HIS A 257 -17.43 -5.37 1.17
C HIS A 257 -17.96 -3.93 1.16
N GLU A 258 -19.13 -3.69 1.75
CA GLU A 258 -19.71 -2.33 1.82
C GLU A 258 -18.77 -1.37 2.57
N GLU A 259 -17.65 -1.90 3.09
CA GLU A 259 -16.66 -1.10 3.79
C GLU A 259 -16.06 0.00 2.89
N VAL A 260 -16.36 -0.05 1.59
CA VAL A 260 -15.90 0.98 0.65
C VAL A 260 -16.67 2.27 0.97
N LEU A 261 -17.78 2.11 1.67
CA LEU A 261 -18.63 3.20 2.12
C LEU A 261 -17.84 4.03 3.13
N GLU A 262 -17.05 3.34 3.94
CA GLU A 262 -16.21 3.99 4.96
C GLU A 262 -15.05 4.75 4.35
N ALA A 263 -14.55 4.23 3.23
CA ALA A 263 -13.42 4.84 2.55
C ALA A 263 -13.84 5.87 1.51
N GLY A 264 -14.25 5.38 0.34
CA GLY A 264 -14.66 6.26 -0.75
C GLY A 264 -15.98 6.95 -0.52
N LYS A 265 -16.05 7.72 0.57
CA LYS A 265 -17.25 8.44 0.95
C LYS A 265 -16.95 9.08 2.30
N GLN A 266 -17.09 8.29 3.36
CA GLN A 266 -16.90 8.73 4.74
C GLN A 266 -15.59 9.48 5.02
N ALA A 267 -14.46 8.77 4.99
CA ALA A 267 -13.16 9.39 5.26
C ALA A 267 -12.39 9.84 4.02
N ALA A 268 -13.11 10.27 2.99
CA ALA A 268 -12.49 10.70 1.75
C ALA A 268 -11.66 11.98 1.92
N GLN A 269 -12.36 13.09 2.15
CA GLN A 269 -11.73 14.39 2.33
C GLN A 269 -10.61 14.44 3.37
N LYS A 270 -10.71 13.62 4.42
CA LYS A 270 -9.70 13.60 5.47
C LYS A 270 -8.33 13.06 5.08
N LEU A 271 -8.27 11.78 4.71
CA LEU A 271 -7.00 11.17 4.33
C LEU A 271 -6.44 11.70 3.03
N GLU A 272 -7.30 12.19 2.15
CA GLU A 272 -6.85 12.75 0.90
C GLU A 272 -6.05 14.02 1.22
N GLN A 273 -6.55 14.77 2.19
CA GLN A 273 -5.90 15.99 2.63
C GLN A 273 -4.65 15.63 3.43
N PHE A 274 -4.75 14.58 4.24
CA PHE A 274 -3.63 14.12 5.06
C PHE A 274 -2.46 13.72 4.15
N VAL A 275 -2.75 13.04 3.05
CA VAL A 275 -1.72 12.61 2.11
C VAL A 275 -1.17 13.78 1.31
N SER A 276 -2.01 14.78 1.02
CA SER A 276 -1.55 15.93 0.25
C SER A 276 -0.57 16.75 1.10
N LEU A 277 -0.93 17.00 2.35
CA LEU A 277 -0.05 17.74 3.26
C LEU A 277 1.24 16.96 3.50
N LEU A 278 1.13 15.63 3.44
CA LEU A 278 2.25 14.74 3.67
C LEU A 278 3.33 14.87 2.60
N MET A 279 2.96 15.43 1.45
CA MET A 279 3.91 15.65 0.36
C MET A 279 4.60 16.99 0.67
N ALA A 280 5.21 17.08 1.84
CA ALA A 280 5.88 18.31 2.25
C ALA A 280 7.35 18.28 1.88
N SER A 281 7.98 17.11 2.03
CA SER A 281 9.39 16.90 1.69
C SER A 281 9.94 15.65 2.38
N ILE A 282 10.73 14.87 1.64
CA ILE A 282 11.36 13.68 2.21
C ILE A 282 12.23 14.05 3.42
N PRO A 283 12.98 15.17 3.35
CA PRO A 283 13.18 16.19 2.30
C PRO A 283 13.66 15.63 0.97
N VAL A 284 12.86 15.88 -0.08
CA VAL A 284 13.12 15.42 -1.45
C VAL A 284 14.26 14.43 -1.68
N SER A 285 15.49 14.87 -1.45
CA SER A 285 16.69 14.05 -1.64
C SER A 285 17.01 14.04 -3.14
N GLY A 286 17.71 15.08 -3.58
CA GLY A 286 18.08 15.18 -4.98
C GLY A 286 19.55 15.51 -5.17
N HIS A 287 20.39 14.63 -4.63
CA HIS A 287 21.85 14.74 -4.69
C HIS A 287 22.50 15.91 -3.97
N THR A 288 22.26 17.13 -4.44
CA THR A 288 22.84 18.31 -3.84
C THR A 288 22.08 19.55 -4.30
N GLY A 289 22.31 20.65 -3.60
CA GLY A 289 21.65 21.89 -3.95
C GLY A 289 20.89 22.41 -2.76
P PO4 B . -6.97 -3.50 0.02
O1 PO4 B . -8.30 -4.05 -0.36
O2 PO4 B . -6.26 -3.12 -1.23
O3 PO4 B . -7.11 -2.26 0.89
O4 PO4 B . -6.27 -4.49 0.92
C9 9DI C . -10.27 -5.54 4.36
C4 9DI C . -10.21 -6.66 5.18
N3 9DI C . -9.54 -7.84 5.03
C2 9DI C . -9.73 -8.68 6.08
N1 9DI C . -10.51 -8.39 7.16
C6 9DI C . -11.22 -7.22 7.33
O6 9DI C . -11.92 -7.06 8.33
C5 9DI C . -11.03 -6.29 6.24
N7 9DI C . -11.55 -5.03 6.07
C8 9DI C . -11.07 -4.56 4.88
C5' 9DI C . -12.30 -6.37 1.38
O5' 9DI C . -13.20 -5.29 1.74
C4' 9DI C . -10.96 -5.78 1.01
O4' 9DI C . -10.63 -4.90 2.13
C1' 9DI C . -9.61 -5.39 2.96
C2' 9DI C . -9.12 -6.68 2.28
O2' 9DI C . -7.68 -6.76 2.21
C3' 9DI C . -9.84 -6.80 0.90
O3' 9DI C . -9.01 -6.53 -0.25
#